data_8YSO
#
_entry.id   8YSO
#
_cell.length_a   49.331
_cell.length_b   72.832
_cell.length_c   100.998
_cell.angle_alpha   90.000
_cell.angle_beta   90.000
_cell.angle_gamma   90.000
#
_symmetry.space_group_name_H-M   'P 21 21 21'
#
loop_
_entity.id
_entity.type
_entity.pdbx_description
1 polymer Nucleotidyltransferase
2 non-polymer "ADENOSINE-5'-TRIPHOSPHATE"
3 non-polymer 'MAGNESIUM ION'
4 non-polymer 'PHOSPHATE ION'
5 water water
#
_entity_poly.entity_id   1
_entity_poly.type   'polypeptide(L)'
_entity_poly.pdbx_seq_one_letter_code
;MAPVQKQFREFHDRIKLAQYDENQTLRDERDAVLTAVREGLKKVFADRGEAAPTFTPFNQGSYAMNTGVKPLEGGEYDID
VGIILNIAKDDHDPVEVKKWIRDALKDYGNGAEIRRSCVTVFKPGYHVDLAVYADPELSGGTLCIAKGKENSGDEHRLWQ
ISDPQGFQDRIASKLSGDDAAQFRRCIRYLKRWRDFRFSSDGNAAPLGIGLTAAAYWWFQVSKGSGYDDRDALEQFVQTM
LDNFHDGSGPRLTVELPVQPYNDVFEKMTGMQMESFKSKLQALLNALKTAKSRLELHDACKALADHFGSEFPVPEKDKSA
VHTAPAIVGSGSSG
;
_entity_poly.pdbx_strand_id   A
#
loop_
_chem_comp.id
_chem_comp.type
_chem_comp.name
_chem_comp.formula
ATP non-polymer ADENOSINE-5'-TRIPHOSPHATE 'C10 H16 N5 O13 P3'
MG non-polymer 'MAGNESIUM ION' 'Mg 2'
PO4 non-polymer 'PHOSPHATE ION' 'O4 P -3'
#
# COMPACT_ATOMS: atom_id res chain seq x y z
N ALA A 2 21.61 -7.32 -21.90
CA ALA A 2 21.84 -8.77 -21.52
C ALA A 2 20.54 -9.36 -20.97
N PRO A 3 20.34 -10.69 -21.04
CA PRO A 3 19.19 -11.30 -20.37
C PRO A 3 19.39 -11.23 -18.86
N VAL A 4 18.37 -10.77 -18.13
CA VAL A 4 18.44 -10.44 -16.68
C VAL A 4 17.28 -11.05 -15.93
N GLN A 5 16.49 -11.91 -16.57
CA GLN A 5 15.27 -12.52 -15.95
C GLN A 5 15.69 -13.34 -14.73
N LYS A 6 16.74 -14.17 -14.80
CA LYS A 6 17.18 -14.98 -13.65
C LYS A 6 17.44 -14.08 -12.43
N GLN A 7 18.11 -12.95 -12.64
CA GLN A 7 18.49 -12.00 -11.57
C GLN A 7 17.22 -11.29 -11.03
N PHE A 8 16.26 -10.94 -11.88
CA PHE A 8 14.97 -10.39 -11.40
C PHE A 8 14.28 -11.41 -10.50
N ARG A 9 14.28 -12.67 -10.89
CA ARG A 9 13.58 -13.70 -10.07
C ARG A 9 14.33 -13.90 -8.74
N GLU A 10 15.66 -13.85 -8.74
CA GLU A 10 16.45 -13.92 -7.47
C GLU A 10 16.10 -12.71 -6.59
N PHE A 11 16.06 -11.52 -7.19
CA PHE A 11 15.69 -10.28 -6.50
C PHE A 11 14.30 -10.44 -5.89
N HIS A 12 13.36 -10.97 -6.67
CA HIS A 12 11.96 -11.15 -6.21
C HIS A 12 11.95 -12.00 -4.96
N ASP A 13 12.68 -13.10 -4.98
CA ASP A 13 12.74 -14.03 -3.85
C ASP A 13 13.25 -13.30 -2.61
N ARG A 14 14.17 -12.34 -2.74
CA ARG A 14 14.74 -11.59 -1.61
C ARG A 14 13.72 -10.61 -1.05
N ILE A 15 12.89 -10.00 -1.89
CA ILE A 15 12.07 -8.85 -1.44
C ILE A 15 10.68 -9.32 -1.03
N LYS A 16 10.20 -10.42 -1.56
CA LYS A 16 8.79 -10.83 -1.32
C LYS A 16 8.53 -11.08 0.17
N LEU A 17 7.39 -10.61 0.67
CA LEU A 17 6.88 -10.93 1.99
C LEU A 17 5.58 -11.68 1.82
N ALA A 18 5.47 -12.86 2.41
CA ALA A 18 4.27 -13.70 2.29
C ALA A 18 3.05 -12.92 2.79
N GLN A 19 1.93 -13.09 2.10
CA GLN A 19 0.63 -12.50 2.44
C GLN A 19 0.10 -13.07 3.76
N TYR A 20 -0.93 -12.45 4.30
CA TYR A 20 -1.54 -12.85 5.59
C TYR A 20 -1.84 -14.35 5.61
N ASP A 21 -2.49 -14.86 4.57
CA ASP A 21 -2.96 -16.27 4.51
C ASP A 21 -1.75 -17.21 4.52
N GLU A 22 -0.54 -16.71 4.25
CA GLU A 22 0.69 -17.55 4.18
C GLU A 22 1.72 -17.11 5.22
N ASN A 23 1.36 -16.26 6.19
CA ASN A 23 2.35 -15.61 7.07
C ASN A 23 1.82 -15.63 8.50
N GLN A 24 2.18 -16.65 9.26
CA GLN A 24 1.66 -16.78 10.65
C GLN A 24 2.12 -15.59 11.49
N THR A 25 3.35 -15.12 11.33
CA THR A 25 3.86 -13.97 12.14
C THR A 25 2.99 -12.73 11.91
N LEU A 26 2.64 -12.42 10.67
CA LEU A 26 1.79 -11.22 10.39
C LEU A 26 0.41 -11.45 10.98
N ARG A 27 -0.15 -12.65 10.83
CA ARG A 27 -1.50 -12.93 11.39
C ARG A 27 -1.44 -12.71 12.89
N ASP A 28 -0.41 -13.24 13.54
CA ASP A 28 -0.30 -13.17 15.02
C ASP A 28 -0.20 -11.71 15.45
N GLU A 29 0.61 -10.91 14.77
CA GLU A 29 0.81 -9.50 15.14
C GLU A 29 -0.48 -8.72 14.92
N ARG A 30 -1.16 -8.96 13.79
CA ARG A 30 -2.49 -8.37 13.49
C ARG A 30 -3.45 -8.71 14.62
N ASP A 31 -3.54 -10.00 14.95
CA ASP A 31 -4.54 -10.50 15.93
C ASP A 31 -4.22 -9.92 17.32
N ALA A 32 -2.93 -9.67 17.64
CA ALA A 32 -2.46 -9.09 18.93
C ALA A 32 -3.03 -7.68 19.10
N VAL A 33 -3.02 -6.88 18.02
CA VAL A 33 -3.54 -5.48 18.08
C VAL A 33 -5.06 -5.51 18.13
N LEU A 34 -5.70 -6.42 17.43
CA LEU A 34 -7.17 -6.49 17.39
C LEU A 34 -7.67 -6.83 18.82
N THR A 35 -7.01 -7.78 19.49
CA THR A 35 -7.39 -8.17 20.85
C THR A 35 -7.18 -6.95 21.72
N ALA A 36 -6.08 -6.23 21.56
CA ALA A 36 -5.81 -5.01 22.36
C ALA A 36 -6.97 -4.02 22.15
N VAL A 37 -7.50 -3.92 20.92
CA VAL A 37 -8.65 -3.00 20.63
C VAL A 37 -9.91 -3.53 21.32
N ARG A 38 -10.20 -4.82 21.16
CA ARG A 38 -11.40 -5.49 21.69
C ARG A 38 -11.44 -5.30 23.22
N GLU A 39 -10.29 -5.51 23.90
CA GLU A 39 -10.20 -5.51 25.39
C GLU A 39 -10.23 -4.07 25.89
N GLY A 40 -9.49 -3.18 25.22
CA GLY A 40 -9.44 -1.75 25.50
C GLY A 40 -10.80 -1.10 25.40
N LEU A 41 -11.61 -1.45 24.40
CA LEU A 41 -12.93 -0.83 24.19
C LEU A 41 -13.80 -1.15 25.41
N LYS A 42 -13.79 -2.39 25.84
CA LYS A 42 -14.60 -2.82 27.01
C LYS A 42 -14.26 -1.94 28.21
N LYS A 43 -12.98 -1.66 28.46
CA LYS A 43 -12.51 -0.88 29.64
C LYS A 43 -12.92 0.59 29.46
N VAL A 44 -12.57 1.19 28.31
CA VAL A 44 -12.88 2.62 28.00
C VAL A 44 -14.36 2.87 28.27
N PHE A 45 -15.22 2.03 27.72
CA PHE A 45 -16.68 2.22 27.78
C PHE A 45 -17.20 1.82 29.16
N ALA A 46 -16.62 0.77 29.77
CA ALA A 46 -17.05 0.36 31.14
C ALA A 46 -16.87 1.56 32.06
N ASP A 47 -15.71 2.20 31.97
CA ASP A 47 -15.27 3.33 32.82
C ASP A 47 -16.25 4.51 32.66
N ARG A 48 -17.00 4.57 31.54
CA ARG A 48 -18.02 5.63 31.25
C ARG A 48 -19.41 5.09 31.58
N GLY A 49 -19.47 3.89 32.16
CA GLY A 49 -20.73 3.14 32.39
C GLY A 49 -21.54 2.97 31.13
N GLU A 50 -20.88 2.67 29.99
CA GLU A 50 -21.56 2.42 28.68
C GLU A 50 -21.20 1.04 28.14
N ALA A 51 -22.12 0.46 27.36
CA ALA A 51 -21.93 -0.74 26.52
C ALA A 51 -20.86 -0.43 25.47
N ALA A 52 -19.86 -1.30 25.34
CA ALA A 52 -18.75 -1.14 24.39
C ALA A 52 -19.27 -1.41 22.99
N PRO A 53 -18.88 -0.63 21.96
CA PRO A 53 -19.14 -1.03 20.59
C PRO A 53 -18.23 -2.22 20.24
N THR A 54 -18.63 -2.99 19.27
CA THR A 54 -17.84 -4.12 18.77
C THR A 54 -17.47 -3.84 17.32
N PHE A 55 -16.65 -4.67 16.72
CA PHE A 55 -16.23 -4.47 15.32
C PHE A 55 -16.01 -5.82 14.66
N THR A 56 -16.03 -5.81 13.34
CA THR A 56 -15.70 -6.95 12.46
C THR A 56 -14.46 -6.57 11.68
N PRO A 57 -13.32 -7.27 11.85
CA PRO A 57 -12.10 -6.90 11.15
C PRO A 57 -12.08 -7.53 9.76
N PHE A 58 -11.29 -6.96 8.87
CA PHE A 58 -10.97 -7.59 7.58
C PHE A 58 -9.57 -7.19 7.16
N ASN A 59 -8.89 -8.10 6.45
CA ASN A 59 -7.54 -7.84 5.96
C ASN A 59 -7.59 -6.79 4.83
N GLN A 60 -6.64 -5.89 4.86
CA GLN A 60 -6.51 -4.82 3.84
C GLN A 60 -5.07 -4.73 3.36
N GLY A 61 -4.88 -3.96 2.31
CA GLY A 61 -3.54 -3.55 1.87
C GLY A 61 -2.74 -4.68 1.28
N SER A 62 -1.43 -4.47 1.20
CA SER A 62 -0.55 -5.34 0.40
C SER A 62 -0.56 -6.75 0.95
N TYR A 63 -0.67 -6.91 2.27
CA TYR A 63 -0.59 -8.27 2.87
C TYR A 63 -1.90 -9.05 2.62
N ALA A 64 -2.99 -8.35 2.28
CA ALA A 64 -4.26 -8.94 1.80
C ALA A 64 -4.18 -9.26 0.30
N MET A 65 -3.54 -8.40 -0.50
CA MET A 65 -3.59 -8.50 -1.99
C MET A 65 -2.38 -9.29 -2.50
N ASN A 66 -1.52 -9.76 -1.60
CA ASN A 66 -0.31 -10.52 -1.96
C ASN A 66 0.62 -9.64 -2.84
N THR A 67 0.81 -8.37 -2.45
CA THR A 67 1.74 -7.42 -3.11
C THR A 67 2.78 -6.92 -2.10
N GLY A 68 3.06 -7.69 -1.06
CA GLY A 68 3.86 -7.22 0.07
C GLY A 68 5.33 -7.40 -0.16
N VAL A 69 6.11 -6.48 0.36
CA VAL A 69 7.58 -6.58 0.34
C VAL A 69 8.12 -6.49 1.75
N LYS A 70 9.30 -7.04 1.93
CA LYS A 70 10.12 -6.81 3.14
C LYS A 70 10.67 -5.40 3.12
N PRO A 71 10.71 -4.71 4.26
CA PRO A 71 11.32 -3.39 4.33
C PRO A 71 12.83 -3.52 4.23
N LEU A 72 13.49 -2.41 3.89
CA LEU A 72 14.95 -2.25 4.05
C LEU A 72 15.29 -2.16 5.53
N GLU A 73 16.54 -2.46 5.90
CA GLU A 73 17.02 -2.23 7.29
C GLU A 73 16.63 -0.80 7.71
N GLY A 74 15.96 -0.66 8.86
CA GLY A 74 15.54 0.65 9.38
C GLY A 74 14.17 1.09 8.87
N GLY A 75 13.59 0.36 7.91
CA GLY A 75 12.18 0.52 7.52
C GLY A 75 11.28 -0.28 8.43
N GLU A 76 9.97 -0.21 8.20
CA GLU A 76 8.94 -0.87 9.06
C GLU A 76 7.99 -1.72 8.20
N TYR A 77 7.49 -2.81 8.74
CA TYR A 77 6.32 -3.55 8.20
C TYR A 77 5.08 -2.68 8.42
N ASP A 78 4.11 -2.88 7.58
CA ASP A 78 2.89 -2.05 7.53
C ASP A 78 1.70 -2.99 7.51
N ILE A 79 1.12 -3.29 8.67
CA ILE A 79 -0.03 -4.19 8.78
C ILE A 79 -1.33 -3.38 8.61
N ASP A 80 -2.00 -3.53 7.48
CA ASP A 80 -3.27 -2.79 7.20
C ASP A 80 -4.46 -3.69 7.54
N VAL A 81 -5.34 -3.21 8.42
CA VAL A 81 -6.57 -3.94 8.77
C VAL A 81 -7.71 -2.95 8.75
N GLY A 82 -8.88 -3.40 8.31
CA GLY A 82 -10.11 -2.62 8.40
C GLY A 82 -10.91 -3.10 9.58
N ILE A 83 -11.52 -2.20 10.32
CA ILE A 83 -12.45 -2.60 11.41
C ILE A 83 -13.78 -1.89 11.18
N ILE A 84 -14.84 -2.68 11.06
CA ILE A 84 -16.20 -2.19 10.81
C ILE A 84 -16.93 -2.16 12.15
N LEU A 85 -17.15 -0.97 12.68
CA LEU A 85 -17.83 -0.80 13.99
C LEU A 85 -19.33 -1.02 13.79
N ASN A 86 -20.01 -1.53 14.81
CA ASN A 86 -21.45 -1.84 14.74
C ASN A 86 -22.26 -0.59 15.06
N ILE A 87 -22.07 0.48 14.29
CA ILE A 87 -22.69 1.83 14.53
C ILE A 87 -23.31 2.34 13.22
N ALA A 88 -24.29 3.27 13.33
CA ALA A 88 -24.81 4.06 12.20
C ALA A 88 -23.92 5.30 12.03
N LYS A 89 -23.38 5.53 10.84
CA LYS A 89 -22.41 6.64 10.61
C LYS A 89 -23.07 7.99 10.97
N ASP A 90 -24.39 8.12 10.77
CA ASP A 90 -25.11 9.40 11.05
C ASP A 90 -25.27 9.67 12.57
N ASP A 91 -24.98 8.70 13.44
CA ASP A 91 -25.08 8.84 14.92
C ASP A 91 -23.78 9.33 15.55
N HIS A 92 -22.65 9.30 14.81
CA HIS A 92 -21.32 9.55 15.39
C HIS A 92 -20.49 10.38 14.45
N ASP A 93 -19.76 11.32 15.02
CA ASP A 93 -18.67 12.05 14.34
C ASP A 93 -17.58 11.04 14.00
N PRO A 94 -17.09 10.98 12.74
CA PRO A 94 -16.03 10.02 12.40
C PRO A 94 -14.75 10.14 13.25
N VAL A 95 -14.38 11.34 13.65
CA VAL A 95 -13.21 11.56 14.52
C VAL A 95 -13.50 10.96 15.90
N GLU A 96 -14.72 11.09 16.41
CA GLU A 96 -15.04 10.54 17.74
C GLU A 96 -14.93 9.01 17.72
N VAL A 97 -15.31 8.37 16.60
CA VAL A 97 -15.22 6.89 16.49
C VAL A 97 -13.74 6.48 16.49
N LYS A 98 -12.87 7.24 15.80
CA LYS A 98 -11.42 6.94 15.82
C LYS A 98 -10.88 7.16 17.24
N LYS A 99 -11.40 8.13 17.99
CA LYS A 99 -10.95 8.34 19.39
C LYS A 99 -11.24 7.12 20.26
N TRP A 100 -12.33 6.39 20.00
CA TRP A 100 -12.65 5.14 20.74
C TRP A 100 -11.46 4.20 20.59
N ILE A 101 -10.97 4.08 19.37
CA ILE A 101 -9.90 3.10 19.02
C ILE A 101 -8.58 3.57 19.64
N ARG A 102 -8.27 4.86 19.51
CA ARG A 102 -7.11 5.47 20.16
C ARG A 102 -7.17 5.20 21.67
N ASP A 103 -8.33 5.41 22.30
CA ASP A 103 -8.48 5.27 23.78
C ASP A 103 -8.34 3.79 24.16
N ALA A 104 -8.96 2.89 23.40
CA ALA A 104 -8.85 1.41 23.59
C ALA A 104 -7.38 0.97 23.63
N LEU A 105 -6.49 1.63 22.88
CA LEU A 105 -5.07 1.23 22.72
C LEU A 105 -4.17 2.11 23.59
N LYS A 106 -4.75 2.84 24.52
CA LYS A 106 -4.04 3.82 25.40
C LYS A 106 -2.85 3.11 26.06
N ASP A 107 -3.07 1.90 26.55
CA ASP A 107 -2.12 1.14 27.41
C ASP A 107 -1.37 0.08 26.59
N TYR A 108 -1.49 0.09 25.25
CA TYR A 108 -0.86 -0.92 24.34
C TYR A 108 0.36 -0.33 23.65
N GLY A 109 1.51 -0.99 23.82
CA GLY A 109 2.84 -0.38 23.59
C GLY A 109 2.87 1.03 24.15
N ASN A 110 3.17 2.01 23.30
CA ASN A 110 3.17 3.46 23.63
C ASN A 110 1.80 4.09 23.28
N GLY A 111 0.78 3.28 22.97
CA GLY A 111 -0.55 3.76 22.52
C GLY A 111 -0.61 3.98 21.01
N ALA A 112 -1.58 4.79 20.55
CA ALA A 112 -1.93 4.93 19.11
C ALA A 112 -2.08 6.38 18.71
N GLU A 113 -2.05 6.65 17.40
CA GLU A 113 -2.12 7.99 16.80
C GLU A 113 -3.35 8.06 15.88
N ILE A 114 -4.16 9.10 15.99
CA ILE A 114 -5.30 9.31 15.06
C ILE A 114 -4.79 10.09 13.85
N ARG A 115 -4.84 9.46 12.68
CA ARG A 115 -4.40 10.05 11.41
C ARG A 115 -5.63 10.35 10.56
N ARG A 116 -5.44 10.99 9.41
CA ARG A 116 -6.58 11.44 8.60
C ARG A 116 -7.43 10.23 8.19
N SER A 117 -6.80 9.09 7.85
CA SER A 117 -7.52 7.97 7.21
C SER A 117 -7.53 6.71 8.08
N CYS A 118 -6.87 6.73 9.22
CA CYS A 118 -6.71 5.50 10.06
C CYS A 118 -6.25 5.85 11.46
N VAL A 119 -6.28 4.87 12.34
CA VAL A 119 -5.64 4.92 13.67
C VAL A 119 -4.46 3.99 13.58
N THR A 120 -3.27 4.50 13.84
CA THR A 120 -2.00 3.74 13.71
C THR A 120 -1.45 3.43 15.10
N VAL A 121 -1.05 2.16 15.32
CA VAL A 121 -0.26 1.75 16.51
C VAL A 121 1.16 1.45 16.04
N PHE A 122 2.14 2.14 16.64
CA PHE A 122 3.56 2.05 16.28
C PHE A 122 4.25 1.10 17.24
N LYS A 123 4.95 0.11 16.70
CA LYS A 123 5.73 -0.92 17.44
C LYS A 123 7.14 -0.92 16.88
N PRO A 124 8.12 -1.55 17.56
CA PRO A 124 9.48 -1.61 17.01
C PRO A 124 9.45 -2.43 15.71
N GLY A 125 9.80 -1.79 14.59
CA GLY A 125 9.96 -2.45 13.29
C GLY A 125 8.66 -2.62 12.53
N TYR A 126 7.51 -2.21 13.07
CA TYR A 126 6.25 -2.21 12.26
C TYR A 126 5.20 -1.32 12.89
N HIS A 127 4.22 -0.95 12.08
CA HIS A 127 3.01 -0.30 12.59
C HIS A 127 1.78 -0.99 12.01
N VAL A 128 0.67 -0.81 12.68
CA VAL A 128 -0.65 -1.38 12.31
C VAL A 128 -1.56 -0.20 12.00
N ASP A 129 -2.03 -0.12 10.76
CA ASP A 129 -2.94 0.97 10.31
C ASP A 129 -4.36 0.41 10.36
N LEU A 130 -5.17 0.92 11.27
CA LEU A 130 -6.55 0.47 11.43
C LEU A 130 -7.47 1.47 10.71
N ALA A 131 -7.97 1.08 9.58
CA ALA A 131 -9.00 1.85 8.86
C ALA A 131 -10.34 1.58 9.55
N VAL A 132 -11.07 2.64 9.88
CA VAL A 132 -12.25 2.54 10.75
C VAL A 132 -13.49 2.87 9.92
N TYR A 133 -14.44 1.95 9.88
CA TYR A 133 -15.65 2.01 9.06
C TYR A 133 -16.88 1.94 9.94
N ALA A 134 -17.96 2.53 9.46
CA ALA A 134 -19.29 2.37 10.06
C ALA A 134 -19.97 1.17 9.41
N ASP A 135 -20.93 0.55 10.09
CA ASP A 135 -21.61 -0.64 9.58
C ASP A 135 -22.49 -0.27 8.40
N PRO A 136 -22.36 -0.93 7.23
CA PRO A 136 -23.17 -0.59 6.07
C PRO A 136 -24.70 -0.68 6.32
N GLU A 137 -25.18 -1.76 6.94
CA GLU A 137 -26.64 -1.87 7.11
C GLU A 137 -27.15 -0.73 8.01
N LEU A 138 -26.47 -0.42 9.11
CA LEU A 138 -26.91 0.65 10.05
C LEU A 138 -26.75 2.03 9.40
N SER A 139 -25.92 2.13 8.37
CA SER A 139 -25.53 3.42 7.73
C SER A 139 -26.26 3.64 6.40
N GLY A 140 -27.20 2.80 6.00
CA GLY A 140 -28.03 3.02 4.80
C GLY A 140 -27.51 2.31 3.56
N GLY A 141 -26.59 1.36 3.72
CA GLY A 141 -26.15 0.45 2.65
C GLY A 141 -24.75 0.75 2.13
N THR A 142 -24.14 1.88 2.49
CA THR A 142 -22.75 2.21 2.03
C THR A 142 -21.76 1.87 3.13
N LEU A 143 -20.56 1.44 2.73
CA LEU A 143 -19.42 1.23 3.63
C LEU A 143 -18.57 2.49 3.59
N CYS A 144 -18.52 3.21 4.69
CA CYS A 144 -17.85 4.53 4.76
C CYS A 144 -16.69 4.49 5.75
N ILE A 145 -15.55 5.06 5.37
CA ILE A 145 -14.36 5.18 6.23
C ILE A 145 -14.38 6.51 6.99
N ALA A 146 -13.88 6.49 8.20
CA ALA A 146 -13.79 7.65 9.11
C ALA A 146 -12.61 8.52 8.70
N LYS A 147 -12.89 9.68 8.09
CA LYS A 147 -11.84 10.64 7.70
C LYS A 147 -11.81 11.79 8.68
N GLY A 148 -10.62 12.24 9.03
CA GLY A 148 -10.39 13.50 9.74
C GLY A 148 -9.57 13.28 10.98
N LYS A 149 -8.90 14.33 11.44
CA LYS A 149 -8.03 14.32 12.63
C LYS A 149 -8.73 15.05 13.77
N GLU A 150 -8.25 14.86 14.98
CA GLU A 150 -8.77 15.59 16.16
C GLU A 150 -8.64 17.08 15.88
N ASN A 151 -9.63 17.83 16.29
CA ASN A 151 -9.64 19.31 16.22
C ASN A 151 -9.57 19.75 14.75
N SER A 152 -9.85 18.87 13.78
CA SER A 152 -9.98 19.20 12.33
C SER A 152 -11.24 20.02 12.11
N GLY A 153 -11.25 20.92 11.13
CA GLY A 153 -12.48 21.66 10.76
C GLY A 153 -13.54 20.72 10.21
N ASP A 154 -14.80 21.15 10.24
CA ASP A 154 -16.00 20.36 9.84
C ASP A 154 -15.82 19.84 8.40
N GLU A 155 -15.11 20.61 7.54
CA GLU A 155 -14.98 20.30 6.10
C GLU A 155 -14.00 19.15 5.92
N HIS A 156 -13.12 18.92 6.89
CA HIS A 156 -11.99 18.00 6.79
C HIS A 156 -12.28 16.75 7.61
N ARG A 157 -13.55 16.52 7.97
CA ARG A 157 -13.97 15.24 8.57
C ARG A 157 -15.25 14.79 7.90
N LEU A 158 -15.31 13.52 7.54
CA LEU A 158 -16.46 12.97 6.82
C LEU A 158 -16.45 11.46 6.94
N TRP A 159 -17.59 10.87 6.69
CA TRP A 159 -17.73 9.43 6.43
C TRP A 159 -17.68 9.24 4.94
N GLN A 160 -16.56 8.81 4.41
CA GLN A 160 -16.36 8.76 2.95
C GLN A 160 -16.68 7.40 2.38
N ILE A 161 -17.53 7.35 1.37
CA ILE A 161 -17.88 6.08 0.67
C ILE A 161 -16.59 5.40 0.21
N SER A 162 -16.49 4.09 0.45
CA SER A 162 -15.28 3.27 0.25
C SER A 162 -15.65 1.91 -0.31
N ASP A 163 -14.72 1.24 -0.92
CA ASP A 163 -14.97 -0.11 -1.46
C ASP A 163 -13.67 -0.92 -1.39
N PRO A 164 -13.12 -1.13 -0.17
CA PRO A 164 -11.86 -1.86 -0.02
C PRO A 164 -11.92 -3.28 -0.60
N GLN A 165 -13.03 -3.99 -0.44
CA GLN A 165 -13.17 -5.36 -1.00
C GLN A 165 -13.20 -5.29 -2.53
N GLY A 166 -13.88 -4.31 -3.10
CA GLY A 166 -13.96 -4.17 -4.55
C GLY A 166 -12.57 -3.89 -5.12
N PHE A 167 -11.79 -3.06 -4.44
CA PHE A 167 -10.42 -2.76 -4.87
C PHE A 167 -9.60 -4.06 -4.85
N GLN A 168 -9.67 -4.81 -3.77
CA GLN A 168 -8.86 -6.05 -3.64
C GLN A 168 -9.30 -7.03 -4.75
N ASP A 169 -10.60 -7.10 -4.99
CA ASP A 169 -11.17 -8.01 -6.02
C ASP A 169 -10.67 -7.60 -7.41
N ARG A 170 -10.55 -6.30 -7.67
CA ARG A 170 -10.10 -5.79 -9.00
C ARG A 170 -8.64 -6.20 -9.20
N ILE A 171 -7.82 -6.05 -8.16
CA ILE A 171 -6.37 -6.41 -8.24
C ILE A 171 -6.27 -7.93 -8.44
N ALA A 172 -7.07 -8.70 -7.73
CA ALA A 172 -6.98 -10.17 -7.79
C ALA A 172 -7.44 -10.67 -9.17
N SER A 173 -8.44 -10.04 -9.76
CA SER A 173 -9.17 -10.58 -10.94
C SER A 173 -8.57 -10.03 -12.25
N LYS A 174 -7.68 -9.04 -12.20
CA LYS A 174 -7.17 -8.40 -13.42
C LYS A 174 -6.58 -9.47 -14.35
N LEU A 175 -5.74 -10.33 -13.78
CA LEU A 175 -5.06 -11.45 -14.48
C LEU A 175 -5.22 -12.72 -13.64
N SER A 176 -4.83 -13.85 -14.19
CA SER A 176 -4.72 -15.09 -13.42
C SER A 176 -3.46 -15.85 -13.76
N GLY A 177 -3.19 -16.86 -12.98
CA GLY A 177 -2.07 -17.81 -13.13
C GLY A 177 -0.75 -17.09 -13.32
N ASP A 178 0.07 -17.56 -14.25
CA ASP A 178 1.47 -17.09 -14.41
C ASP A 178 1.44 -15.63 -14.83
N ASP A 179 0.43 -15.18 -15.56
CA ASP A 179 0.35 -13.76 -15.94
C ASP A 179 0.15 -12.88 -14.69
N ALA A 180 -0.77 -13.27 -13.77
CA ALA A 180 -0.99 -12.56 -12.50
C ALA A 180 0.30 -12.59 -11.65
N ALA A 181 1.09 -13.67 -11.68
CA ALA A 181 2.34 -13.75 -10.91
C ALA A 181 3.29 -12.64 -11.38
N GLN A 182 3.37 -12.41 -12.69
CA GLN A 182 4.26 -11.34 -13.22
C GLN A 182 3.76 -9.98 -12.74
N PHE A 183 2.47 -9.73 -12.81
CA PHE A 183 1.83 -8.47 -12.35
C PHE A 183 2.23 -8.21 -10.89
N ARG A 184 2.08 -9.21 -10.02
CA ARG A 184 2.45 -9.05 -8.59
C ARG A 184 3.97 -8.85 -8.46
N ARG A 185 4.79 -9.58 -9.20
CA ARG A 185 6.26 -9.40 -9.10
C ARG A 185 6.55 -7.94 -9.42
N CYS A 186 5.95 -7.39 -10.45
CA CYS A 186 6.31 -6.04 -10.94
C CYS A 186 5.85 -4.97 -9.94
N ILE A 187 4.70 -5.16 -9.30
CA ILE A 187 4.31 -4.28 -8.16
C ILE A 187 5.38 -4.35 -7.06
N ARG A 188 5.80 -5.55 -6.69
CA ARG A 188 6.83 -5.71 -5.61
C ARG A 188 8.14 -5.01 -6.02
N TYR A 189 8.60 -5.21 -7.24
CA TYR A 189 9.87 -4.59 -7.69
C TYR A 189 9.77 -3.09 -7.48
N LEU A 190 8.64 -2.48 -7.83
CA LEU A 190 8.54 -1.02 -7.82
C LEU A 190 8.38 -0.53 -6.38
N LYS A 191 7.83 -1.37 -5.47
CA LYS A 191 7.82 -1.01 -4.03
C LYS A 191 9.25 -0.99 -3.49
N ARG A 192 10.11 -1.90 -3.91
CA ARG A 192 11.51 -1.88 -3.43
C ARG A 192 12.22 -0.66 -4.03
N TRP A 193 11.99 -0.38 -5.30
CA TRP A 193 12.45 0.87 -5.94
C TRP A 193 12.00 2.07 -5.11
N ARG A 194 10.71 2.12 -4.72
CA ARG A 194 10.19 3.23 -3.88
C ARG A 194 11.05 3.32 -2.61
N ASP A 195 11.28 2.19 -1.94
CA ASP A 195 11.96 2.18 -0.63
C ASP A 195 13.43 2.59 -0.78
N PHE A 196 14.06 2.27 -1.89
CA PHE A 196 15.49 2.53 -2.15
C PHE A 196 15.68 3.99 -2.61
N ARG A 197 14.79 4.51 -3.46
CA ARG A 197 15.05 5.80 -4.16
C ARG A 197 14.29 6.96 -3.51
N PHE A 198 13.38 6.73 -2.57
CA PHE A 198 12.59 7.80 -1.93
C PHE A 198 12.92 7.83 -0.41
N SER A 199 13.18 9.02 0.14
CA SER A 199 13.64 9.20 1.55
C SER A 199 12.50 8.81 2.50
N ALA A 204 6.78 9.86 0.10
CA ALA A 204 6.80 8.57 -0.63
C ALA A 204 5.59 7.69 -0.23
N ALA A 205 4.93 8.00 0.88
CA ALA A 205 3.82 7.18 1.46
C ALA A 205 2.79 6.82 0.40
N PRO A 206 2.37 7.75 -0.50
CA PRO A 206 1.35 7.42 -1.50
C PRO A 206 1.83 6.45 -2.59
N LEU A 207 3.14 6.19 -2.69
CA LEU A 207 3.68 5.44 -3.84
C LEU A 207 3.20 3.97 -3.80
N GLY A 208 2.93 3.42 -2.62
CA GLY A 208 2.49 2.00 -2.51
C GLY A 208 1.15 1.78 -3.22
N ILE A 209 0.11 2.40 -2.69
CA ILE A 209 -1.25 2.37 -3.32
C ILE A 209 -1.16 2.95 -4.75
N GLY A 210 -0.45 4.04 -4.95
CA GLY A 210 -0.37 4.68 -6.26
C GLY A 210 0.17 3.73 -7.31
N LEU A 211 1.29 3.05 -6.99
CA LEU A 211 1.91 2.14 -7.95
C LEU A 211 0.99 0.95 -8.21
N THR A 212 0.24 0.52 -7.21
CA THR A 212 -0.68 -0.63 -7.33
C THR A 212 -1.83 -0.24 -8.26
N ALA A 213 -2.45 0.91 -8.03
CA ALA A 213 -3.54 1.43 -8.89
C ALA A 213 -3.00 1.68 -10.30
N ALA A 214 -1.79 2.22 -10.45
CA ALA A 214 -1.20 2.45 -11.79
C ALA A 214 -1.02 1.12 -12.51
N ALA A 215 -0.54 0.08 -11.82
CA ALA A 215 -0.36 -1.25 -12.40
C ALA A 215 -1.73 -1.79 -12.85
N TYR A 216 -2.75 -1.60 -12.02
CA TYR A 216 -4.11 -2.06 -12.42
C TYR A 216 -4.46 -1.45 -13.78
N TRP A 217 -4.23 -0.16 -13.95
CA TRP A 217 -4.62 0.53 -15.22
C TRP A 217 -3.71 0.12 -16.37
N TRP A 218 -2.40 -0.04 -16.14
CA TRP A 218 -1.40 0.08 -17.23
C TRP A 218 -0.47 -1.11 -17.36
N PHE A 219 -0.40 -2.02 -16.39
CA PHE A 219 0.51 -3.17 -16.50
C PHE A 219 0.09 -4.02 -17.69
N GLN A 220 1.08 -4.44 -18.47
CA GLN A 220 0.95 -5.46 -19.55
C GLN A 220 1.93 -6.60 -19.30
N VAL A 221 1.46 -7.82 -19.45
CA VAL A 221 2.34 -9.01 -19.43
C VAL A 221 3.38 -8.88 -20.53
N SER A 222 4.60 -9.29 -20.25
CA SER A 222 5.64 -9.50 -21.28
C SER A 222 6.18 -10.90 -21.12
N LYS A 223 6.01 -11.73 -22.15
CA LYS A 223 6.55 -13.11 -22.12
C LYS A 223 6.97 -13.53 -23.54
N GLY A 224 8.05 -14.27 -23.66
CA GLY A 224 8.38 -14.97 -24.92
C GLY A 224 8.79 -16.39 -24.64
N SER A 225 10.09 -16.58 -24.64
CA SER A 225 10.76 -17.83 -24.26
C SER A 225 10.69 -18.01 -22.75
N GLY A 226 10.32 -16.94 -22.05
CA GLY A 226 10.04 -16.93 -20.63
C GLY A 226 9.29 -15.67 -20.27
N TYR A 227 8.93 -15.48 -19.02
CA TYR A 227 8.47 -14.16 -18.58
C TYR A 227 9.66 -13.21 -18.70
N ASP A 228 9.36 -11.96 -19.06
CA ASP A 228 10.38 -10.92 -19.28
C ASP A 228 10.03 -9.73 -18.39
N ASP A 229 10.43 -9.80 -17.12
CA ASP A 229 10.05 -8.80 -16.10
C ASP A 229 10.68 -7.46 -16.48
N ARG A 230 11.91 -7.48 -17.00
CA ARG A 230 12.61 -6.22 -17.38
C ARG A 230 11.77 -5.50 -18.44
N ASP A 231 11.30 -6.21 -19.45
CA ASP A 231 10.45 -5.63 -20.51
C ASP A 231 9.09 -5.19 -19.96
N ALA A 232 8.45 -5.98 -19.11
CA ALA A 232 7.15 -5.59 -18.53
C ALA A 232 7.33 -4.29 -17.72
N LEU A 233 8.42 -4.16 -17.01
CA LEU A 233 8.68 -2.94 -16.22
C LEU A 233 8.93 -1.78 -17.19
N GLU A 234 9.69 -2.00 -18.25
CA GLU A 234 10.00 -0.91 -19.19
C GLU A 234 8.71 -0.38 -19.79
N GLN A 235 7.80 -1.26 -20.24
CA GLN A 235 6.55 -0.82 -20.88
C GLN A 235 5.69 -0.08 -19.85
N PHE A 236 5.65 -0.57 -18.61
CA PHE A 236 4.79 -0.02 -17.54
C PHE A 236 5.29 1.37 -17.13
N VAL A 237 6.60 1.49 -16.93
CA VAL A 237 7.21 2.79 -16.54
C VAL A 237 6.98 3.79 -17.68
N GLN A 238 7.18 3.39 -18.93
CA GLN A 238 6.96 4.30 -20.08
C GLN A 238 5.51 4.76 -20.07
N THR A 239 4.56 3.82 -19.91
CA THR A 239 3.13 4.16 -19.90
C THR A 239 2.85 5.12 -18.76
N MET A 240 3.39 4.89 -17.56
CA MET A 240 3.14 5.85 -16.46
C MET A 240 3.62 7.24 -16.90
N LEU A 241 4.81 7.32 -17.46
CA LEU A 241 5.40 8.63 -17.87
C LEU A 241 4.49 9.28 -18.92
N ASP A 242 3.93 8.50 -19.83
CA ASP A 242 3.03 8.96 -20.91
C ASP A 242 1.76 9.58 -20.31
N ASN A 243 1.40 9.24 -19.08
CA ASN A 243 0.13 9.67 -18.46
C ASN A 243 0.34 10.86 -17.52
N PHE A 244 1.55 11.40 -17.40
CA PHE A 244 1.74 12.69 -16.69
C PHE A 244 1.07 13.80 -17.51
N HIS A 245 0.47 14.79 -16.85
CA HIS A 245 -0.05 16.02 -17.52
C HIS A 245 0.60 17.25 -16.88
N ASP A 246 0.77 18.32 -17.65
CA ASP A 246 1.27 19.63 -17.16
C ASP A 246 0.09 20.45 -16.64
N GLY A 247 0.00 20.66 -15.33
CA GLY A 247 -0.83 21.72 -14.71
C GLY A 247 0.01 22.95 -14.45
N SER A 248 0.30 23.24 -13.17
CA SER A 248 1.38 24.17 -12.74
C SER A 248 2.74 23.60 -13.18
N GLY A 249 3.05 22.36 -12.76
CA GLY A 249 4.12 21.48 -13.30
C GLY A 249 3.58 20.08 -13.58
N PRO A 250 4.45 19.09 -13.81
CA PRO A 250 4.00 17.75 -14.21
C PRO A 250 3.40 16.96 -13.04
N ARG A 251 2.22 16.38 -13.25
CA ARG A 251 1.54 15.53 -12.25
C ARG A 251 1.04 14.27 -12.94
N LEU A 252 1.09 13.18 -12.20
CA LEU A 252 0.39 11.94 -12.54
C LEU A 252 -0.82 11.81 -11.64
N THR A 253 -2.01 11.77 -12.26
CA THR A 253 -3.30 11.62 -11.56
C THR A 253 -3.81 10.22 -11.86
N VAL A 254 -4.05 9.39 -10.85
CA VAL A 254 -4.46 7.99 -11.05
C VAL A 254 -5.69 7.71 -10.19
N GLU A 255 -6.83 7.49 -10.83
CA GLU A 255 -8.06 7.20 -10.06
C GLU A 255 -7.94 5.82 -9.43
N LEU A 256 -8.43 5.70 -8.22
CA LEU A 256 -8.79 4.38 -7.68
C LEU A 256 -9.85 3.78 -8.58
N PRO A 257 -9.79 2.49 -8.94
CA PRO A 257 -10.76 1.90 -9.86
C PRO A 257 -12.11 1.46 -9.23
N VAL A 258 -12.33 1.85 -8.00
CA VAL A 258 -13.62 1.65 -7.28
C VAL A 258 -13.91 2.93 -6.49
N GLN A 259 -15.06 3.03 -5.85
CA GLN A 259 -15.45 4.18 -5.01
C GLN A 259 -14.34 4.43 -4.01
N PRO A 260 -13.98 5.70 -3.72
CA PRO A 260 -14.63 6.88 -4.31
C PRO A 260 -13.95 7.47 -5.56
N TYR A 261 -13.09 6.71 -6.21
CA TYR A 261 -12.43 7.11 -7.47
C TYR A 261 -11.54 8.33 -7.25
N ASN A 262 -10.97 8.44 -6.08
CA ASN A 262 -10.05 9.56 -5.74
C ASN A 262 -8.72 9.35 -6.48
N ASP A 263 -8.01 10.44 -6.67
CA ASP A 263 -6.61 10.41 -7.15
C ASP A 263 -5.73 9.89 -6.03
N VAL A 264 -5.18 8.69 -6.19
CA VAL A 264 -4.39 8.04 -5.12
C VAL A 264 -3.04 8.76 -4.96
N PHE A 265 -2.66 9.64 -5.88
CA PHE A 265 -1.40 10.44 -5.81
C PHE A 265 -1.64 11.88 -5.28
N GLU A 266 -2.84 12.21 -4.85
CA GLU A 266 -3.24 13.62 -4.64
C GLU A 266 -2.41 14.25 -3.51
N LYS A 267 -1.93 13.47 -2.54
CA LYS A 267 -1.19 14.04 -1.36
C LYS A 267 0.17 14.58 -1.82
N MET A 268 0.71 14.08 -2.92
CA MET A 268 2.06 14.51 -3.35
C MET A 268 2.04 15.96 -3.80
N THR A 269 3.06 16.72 -3.41
CA THR A 269 3.23 18.14 -3.77
C THR A 269 3.69 18.22 -5.21
N GLY A 270 3.63 19.41 -5.79
CA GLY A 270 4.19 19.70 -7.11
C GLY A 270 5.64 19.29 -7.20
N MET A 271 6.46 19.62 -6.21
CA MET A 271 7.91 19.26 -6.26
C MET A 271 8.06 17.73 -6.14
N GLN A 272 7.32 17.08 -5.26
CA GLN A 272 7.38 15.60 -5.10
C GLN A 272 7.02 14.95 -6.44
N MET A 273 6.03 15.47 -7.13
CA MET A 273 5.63 14.88 -8.44
C MET A 273 6.73 15.08 -9.48
N GLU A 274 7.38 16.24 -9.50
CA GLU A 274 8.46 16.49 -10.47
C GLU A 274 9.62 15.54 -10.18
N SER A 275 9.93 15.34 -8.91
CA SER A 275 11.04 14.45 -8.49
C SER A 275 10.67 13.01 -8.85
N PHE A 276 9.42 12.62 -8.58
CA PHE A 276 8.89 11.31 -8.96
C PHE A 276 9.08 11.08 -10.46
N LYS A 277 8.70 12.04 -11.30
CA LYS A 277 8.80 11.87 -12.75
C LYS A 277 10.27 11.66 -13.12
N SER A 278 11.19 12.45 -12.54
CA SER A 278 12.62 12.35 -12.89
C SER A 278 13.17 10.97 -12.49
N LYS A 279 12.74 10.44 -11.36
CA LYS A 279 13.21 9.12 -10.87
C LYS A 279 12.62 8.01 -11.75
N LEU A 280 11.38 8.18 -12.25
CA LEU A 280 10.80 7.22 -13.25
C LEU A 280 11.58 7.28 -14.55
N GLN A 281 11.95 8.46 -15.03
CA GLN A 281 12.79 8.60 -16.24
C GLN A 281 14.10 7.84 -16.06
N ALA A 282 14.74 8.00 -14.92
CA ALA A 282 16.07 7.39 -14.67
C ALA A 282 15.92 5.87 -14.61
N LEU A 283 14.84 5.38 -13.99
CA LEU A 283 14.54 3.94 -13.91
C LEU A 283 14.33 3.41 -15.33
N LEU A 284 13.59 4.13 -16.16
CA LEU A 284 13.31 3.73 -17.55
C LEU A 284 14.64 3.59 -18.29
N ASN A 285 15.53 4.55 -18.15
CA ASN A 285 16.87 4.46 -18.79
C ASN A 285 17.64 3.25 -18.28
N ALA A 286 17.55 2.93 -17.00
CA ALA A 286 18.28 1.79 -16.42
C ALA A 286 17.72 0.51 -17.01
N LEU A 287 16.38 0.43 -17.14
CA LEU A 287 15.75 -0.78 -17.74
C LEU A 287 16.20 -0.94 -19.20
N LYS A 288 16.28 0.15 -19.94
CA LYS A 288 16.74 0.14 -21.35
C LYS A 288 18.22 -0.25 -21.40
N THR A 289 19.04 0.28 -20.49
CA THR A 289 20.50 -0.01 -20.44
C THR A 289 20.71 -1.49 -20.18
N ALA A 290 19.94 -2.09 -19.26
CA ALA A 290 20.06 -3.52 -18.91
C ALA A 290 19.83 -4.37 -20.16
N LYS A 291 18.98 -3.92 -21.09
CA LYS A 291 18.67 -4.69 -22.32
C LYS A 291 19.86 -4.64 -23.28
N SER A 292 20.48 -3.47 -23.42
CA SER A 292 21.45 -3.18 -24.51
C SER A 292 22.86 -3.62 -24.11
N ARG A 293 23.20 -3.59 -22.80
CA ARG A 293 24.55 -3.97 -22.31
C ARG A 293 24.87 -5.39 -22.70
N LEU A 294 26.05 -5.61 -23.27
CA LEU A 294 26.56 -6.96 -23.63
C LEU A 294 26.87 -7.77 -22.36
N GLU A 295 27.56 -7.18 -21.38
CA GLU A 295 28.02 -7.92 -20.17
C GLU A 295 26.91 -7.95 -19.13
N LEU A 296 26.59 -9.14 -18.62
CA LEU A 296 25.59 -9.32 -17.54
C LEU A 296 25.95 -8.42 -16.35
N HIS A 297 27.22 -8.34 -15.95
CA HIS A 297 27.66 -7.52 -14.81
C HIS A 297 27.15 -6.09 -15.01
N ASP A 298 27.37 -5.50 -16.19
CA ASP A 298 27.04 -4.08 -16.45
C ASP A 298 25.51 -3.88 -16.44
N ALA A 299 24.76 -4.85 -16.99
CA ALA A 299 23.28 -4.79 -17.06
C ALA A 299 22.75 -4.81 -15.63
N CYS A 300 23.27 -5.70 -14.80
CA CYS A 300 22.77 -5.86 -13.41
C CYS A 300 23.21 -4.69 -12.53
N LYS A 301 24.40 -4.14 -12.74
CA LYS A 301 24.84 -2.95 -11.97
C LYS A 301 23.88 -1.78 -12.26
N ALA A 302 23.46 -1.63 -13.51
CA ALA A 302 22.56 -0.53 -13.95
C ALA A 302 21.24 -0.65 -13.17
N LEU A 303 20.78 -1.86 -12.96
CA LEU A 303 19.50 -2.13 -12.23
C LEU A 303 19.70 -1.95 -10.73
N ALA A 304 20.78 -2.46 -10.18
CA ALA A 304 21.05 -2.31 -8.73
C ALA A 304 21.15 -0.84 -8.35
N ASP A 305 21.55 0.04 -9.27
CA ASP A 305 21.59 1.49 -8.98
C ASP A 305 20.19 2.02 -8.64
N HIS A 306 19.12 1.32 -9.01
CA HIS A 306 17.70 1.80 -8.81
C HIS A 306 16.93 0.86 -7.89
N PHE A 307 17.25 -0.42 -7.87
CA PHE A 307 16.53 -1.42 -7.06
C PHE A 307 17.28 -1.70 -5.77
N GLY A 308 18.53 -1.24 -5.66
CA GLY A 308 19.31 -1.42 -4.43
C GLY A 308 20.12 -2.69 -4.38
N SER A 309 20.74 -2.92 -3.22
CA SER A 309 21.84 -3.90 -3.01
C SER A 309 21.34 -5.34 -3.10
N GLU A 310 20.04 -5.60 -2.95
CA GLU A 310 19.52 -6.96 -3.07
C GLU A 310 19.30 -7.37 -4.53
N PHE A 311 19.46 -6.45 -5.49
CA PHE A 311 19.43 -6.83 -6.92
C PHE A 311 20.78 -7.44 -7.24
N PRO A 312 20.87 -8.73 -7.60
CA PRO A 312 22.18 -9.39 -7.73
C PRO A 312 22.99 -8.84 -8.90
N VAL A 313 24.28 -8.66 -8.67
CA VAL A 313 25.22 -8.15 -9.70
C VAL A 313 26.33 -9.19 -9.85
N PRO A 314 26.21 -10.09 -10.84
CA PRO A 314 27.21 -11.14 -11.05
C PRO A 314 28.56 -10.51 -11.42
N GLU A 315 29.66 -11.22 -11.15
CA GLU A 315 31.05 -10.73 -11.37
C GLU A 315 31.38 -10.74 -12.86
N LYS A 316 32.21 -9.79 -13.30
CA LYS A 316 32.97 -9.77 -14.59
C LYS A 316 32.51 -8.57 -15.43
PG ATP B . 2.26 -0.87 0.78
O1G ATP B . 3.03 0.29 0.30
O2G ATP B . 2.97 -2.15 0.41
O3G ATP B . 1.85 -0.79 2.25
PB ATP B . -0.66 -0.91 0.37
O1B ATP B . -0.73 -1.70 1.66
O2B ATP B . -1.53 -1.34 -0.80
O3B ATP B . 0.86 -0.89 -0.08
PA ATP B . -1.19 1.48 2.07
O1A ATP B . -0.77 2.90 1.81
O2A ATP B . -0.58 0.76 3.26
O3A ATP B . -0.92 0.62 0.74
O5' ATP B . -2.79 1.44 2.21
C5' ATP B . -3.51 0.20 2.48
C4' ATP B . -4.78 0.16 1.65
O4' ATP B . -5.59 1.31 1.97
C3' ATP B . -4.61 0.25 0.13
O3' ATP B . -4.25 -1.00 -0.44
C2' ATP B . -5.99 0.73 -0.28
O2' ATP B . -6.95 -0.33 -0.25
C1' ATP B . -6.23 1.79 0.80
N9 ATP B . -5.67 3.10 0.50
C8 ATP B . -4.49 3.65 0.96
N7 ATP B . -4.29 4.87 0.51
C5 ATP B . -5.40 5.12 -0.30
C6 ATP B . -5.77 6.25 -1.05
N6 ATP B . -5.03 7.36 -1.15
N1 ATP B . -6.93 6.17 -1.75
C2 ATP B . -7.67 5.05 -1.63
N3 ATP B . -7.41 3.93 -0.96
C4 ATP B . -6.25 4.04 -0.30
PG ATP C . -2.25 13.39 5.85
O1G ATP C . -2.87 12.59 4.72
O2G ATP C . -1.32 14.48 5.35
O3G ATP C . -3.29 13.94 6.82
PB ATP C . -1.69 11.13 7.66
O1B ATP C . -2.88 11.64 8.44
O2B ATP C . -0.49 10.67 8.42
O3B ATP C . -1.31 12.35 6.69
PA ATP C . -3.29 9.14 6.06
O1A ATP C . -3.97 9.90 4.96
O2A ATP C . -4.10 8.79 7.26
O3A ATP C . -2.03 10.01 6.56
O5' ATP C . -2.62 7.75 5.44
C5' ATP C . -1.92 6.78 6.33
C4' ATP C . -2.41 5.34 6.16
O4' ATP C . -3.85 5.30 6.18
C3' ATP C . -2.02 4.60 4.87
O3' ATP C . -0.80 3.88 5.00
C2' ATP C . -3.11 3.55 4.74
O2' ATP C . -2.76 2.37 5.44
C1' ATP C . -4.34 4.27 5.34
N9 ATP C . -5.29 4.88 4.34
C8 ATP C . -5.19 6.08 3.68
N7 ATP C . -6.23 6.32 2.90
C5 ATP C . -7.04 5.20 3.04
C6 ATP C . -8.26 4.82 2.47
N6 ATP C . -8.96 5.57 1.64
N1 ATP C . -8.76 3.60 2.79
C2 ATP C . -8.07 2.86 3.67
N3 ATP C . -6.93 3.12 4.30
C4 ATP C . -6.45 4.30 3.92
MG MG D . -0.52 1.31 5.69
MG MG E . 0.23 -1.24 3.43
P PO4 F . 3.18 -14.86 -5.42
O1 PO4 F . 2.60 -15.20 -4.05
O2 PO4 F . 2.50 -15.73 -6.45
O3 PO4 F . 2.93 -13.38 -5.77
O4 PO4 F . 4.70 -15.11 -5.40
#